data_6NMV
#
_entry.id   6NMV
#
_cell.length_a   44.290
_cell.length_b   76.090
_cell.length_c   72.810
_cell.angle_alpha   90.000
_cell.angle_beta   95.260
_cell.angle_gamma   90.000
#
_symmetry.space_group_name_H-M   'P 1 21 1'
#
loop_
_entity.id
_entity.type
_entity.pdbx_description
1 polymer 'Tyrosine-protein phosphatase non-receptor type substrate 1'
2 polymer 'Fab 218 anti-SIRP-alpha antibody Variable Heavy Chain'
3 polymer 'Fab 218 anti-SIRP-alpha antibody Variable Light Chain'
4 water water
#
loop_
_entity_poly.entity_id
_entity_poly.type
_entity_poly.pdbx_seq_one_letter_code
_entity_poly.pdbx_strand_id
1 'polypeptide(L)'
;EEELQVIQPDKSVLVAAGETATLRCTATSLIPVGPIQWFRGAGPGRELIYNQKEGHFPRVTTVSDLTKRNNMDFSIRIGA
ITPADAGTYYCVKFRKGSPDDVEFKSGAGTELSVRAKPSTRHHHHHH
;
S
2 'polypeptide(L)'
;DVQLVESGGGVVRPGESLTLSCTASGFTFTSSTMNWVRQAPGEGLDWVSSISTSGVITYYADSVKGRATISRDNSKNTLY
LRLFSLRADDTAIYYCATDTFDHWGPGTLVTVSSASTKGPSVFPLAPSSKSTSGGTAALGCLVKDYFPEPVTVSWNSGAL
TSGVHTFPAVLQSSGLYSLSSVVTVPSSSLGTQTYICNVNHKPSNTKVDKKVEPKSCHHHHHH
;
H
3 'polypeptide(L)'
;ALTQPASVSANPGETVKITCFGSSGNYGWFQQKSPGSAPVTVIHYNNKRPSDIPSRFSGSKSGSTGTLTITGVRAEDEAV
YFCGAWETGSATFGAGTTLTVLGQPKAAPSVTLFPPSSEELQANKATLVCLISDFYPGAVTVAWKADSSPVKAGVETTTP
SKQSNNKYAASSYLSLTPEQWKSHRSYSCQVTHEGSTVEKTVAPTECS
;
L
#
# COMPACT_ATOMS: atom_id res chain seq x y z
N GLU A 3 -33.25 -5.61 -15.01
CA GLU A 3 -32.72 -5.86 -13.63
C GLU A 3 -33.78 -5.49 -12.59
N LEU A 4 -33.36 -5.59 -11.33
CA LEU A 4 -33.91 -4.83 -10.20
C LEU A 4 -32.91 -3.72 -9.83
N GLN A 5 -33.39 -2.47 -9.88
CA GLN A 5 -32.60 -1.27 -9.61
C GLN A 5 -33.06 -0.66 -8.26
N VAL A 6 -32.07 -0.27 -7.43
CA VAL A 6 -32.29 0.44 -6.15
C VAL A 6 -31.92 1.92 -6.33
N ILE A 7 -32.93 2.78 -6.49
CA ILE A 7 -32.72 4.19 -6.68
C ILE A 7 -33.07 4.90 -5.37
N GLN A 8 -32.11 5.68 -4.88
CA GLN A 8 -32.27 6.68 -3.80
C GLN A 8 -32.23 8.04 -4.47
N PRO A 9 -33.38 8.66 -4.79
CA PRO A 9 -33.37 9.80 -5.71
C PRO A 9 -32.80 11.08 -5.07
N ASP A 10 -32.68 11.14 -3.74
CA ASP A 10 -32.14 12.33 -3.03
C ASP A 10 -30.68 12.09 -2.59
N LYS A 11 -29.76 12.91 -3.11
CA LYS A 11 -28.34 12.79 -2.74
C LYS A 11 -28.12 13.44 -1.37
N SER A 12 -29.00 14.39 -1.04
CA SER A 12 -28.97 15.04 0.25
C SER A 12 -30.39 15.11 0.82
N VAL A 13 -30.49 15.22 2.14
CA VAL A 13 -31.70 15.73 2.82
C VAL A 13 -31.25 16.55 4.03
N LEU A 14 -31.81 17.74 4.14
CA LEU A 14 -31.44 18.71 5.17
C LEU A 14 -32.57 18.79 6.19
N VAL A 15 -32.38 18.23 7.38
CA VAL A 15 -33.50 18.04 8.37
C VAL A 15 -33.12 18.62 9.74
N ALA A 16 -34.13 19.19 10.41
CA ALA A 16 -33.99 19.90 11.67
C ALA A 16 -33.76 18.90 12.79
N ALA A 17 -32.86 19.25 13.73
CA ALA A 17 -32.55 18.40 14.87
C ALA A 17 -33.78 18.22 15.76
N GLY A 18 -34.05 16.95 16.10
CA GLY A 18 -35.20 16.56 16.88
C GLY A 18 -36.39 16.20 16.02
N GLU A 19 -36.32 16.52 14.73
CA GLU A 19 -37.38 16.21 13.78
C GLU A 19 -37.16 14.82 13.16
N THR A 20 -38.14 14.38 12.36
CA THR A 20 -38.09 13.10 11.65
C THR A 20 -37.52 13.33 10.24
N ALA A 21 -36.73 12.34 9.82
CA ALA A 21 -36.05 12.32 8.54
C ALA A 21 -36.46 11.07 7.76
N THR A 22 -36.88 11.31 6.52
CA THR A 22 -37.24 10.28 5.63
C THR A 22 -36.10 10.08 4.66
N LEU A 23 -35.59 8.84 4.61
CA LEU A 23 -34.66 8.45 3.58
C LEU A 23 -35.45 7.63 2.53
N ARG A 24 -35.61 8.21 1.35
CA ARG A 24 -36.36 7.59 0.27
C ARG A 24 -35.49 6.51 -0.40
N CYS A 25 -36.15 5.41 -0.69
CA CYS A 25 -35.56 4.37 -1.46
C CYS A 25 -36.71 3.58 -2.07
N THR A 26 -36.54 3.22 -3.35
CA THR A 26 -37.58 2.56 -4.11
C THR A 26 -36.95 1.44 -4.95
N ALA A 27 -37.61 0.28 -4.96
CA ALA A 27 -37.22 -0.83 -5.84
C ALA A 27 -38.04 -0.81 -7.14
N THR A 28 -37.33 -0.81 -8.28
CA THR A 28 -37.97 -0.79 -9.60
C THR A 28 -38.66 -2.13 -9.88
N SER A 29 -38.11 -3.24 -9.35
CA SER A 29 -38.70 -4.57 -9.52
C SER A 29 -38.55 -5.41 -8.25
N LEU A 30 -39.17 -6.60 -8.24
CA LEU A 30 -39.32 -7.44 -7.02
C LEU A 30 -38.31 -8.58 -6.99
N ILE A 31 -37.60 -8.77 -8.11
CA ILE A 31 -36.76 -9.94 -8.31
C ILE A 31 -35.32 -9.46 -8.53
N PRO A 32 -34.32 -10.03 -7.81
CA PRO A 32 -34.47 -11.29 -7.09
C PRO A 32 -35.05 -11.09 -5.70
N VAL A 33 -35.69 -12.12 -5.17
CA VAL A 33 -36.31 -12.03 -3.85
C VAL A 33 -35.18 -11.86 -2.82
N GLY A 34 -35.46 -11.08 -1.78
CA GLY A 34 -34.53 -10.87 -0.68
C GLY A 34 -34.71 -9.50 -0.02
N PRO A 35 -34.24 -9.35 1.23
CA PRO A 35 -34.54 -8.16 2.03
C PRO A 35 -33.85 -6.86 1.62
N ILE A 36 -34.37 -5.75 2.14
CA ILE A 36 -33.75 -4.45 1.99
C ILE A 36 -33.04 -4.15 3.30
N GLN A 37 -31.99 -3.33 3.24
CA GLN A 37 -31.18 -3.06 4.39
C GLN A 37 -30.56 -1.67 4.27
N TRP A 38 -30.78 -0.88 5.31
CA TRP A 38 -30.27 0.46 5.41
C TRP A 38 -29.00 0.47 6.28
N PHE A 39 -27.98 1.17 5.78
CA PHE A 39 -26.67 1.22 6.44
C PHE A 39 -26.22 2.66 6.58
N ARG A 40 -25.25 2.93 7.47
CA ARG A 40 -24.62 4.25 7.51
C ARG A 40 -23.11 4.10 7.26
N GLY A 41 -22.63 4.71 6.18
CA GLY A 41 -21.31 4.45 5.65
C GLY A 41 -21.29 3.25 4.70
N ALA A 42 -20.19 3.16 3.94
CA ALA A 42 -19.77 1.97 3.17
C ALA A 42 -18.56 1.31 3.83
N GLY A 43 -18.25 0.09 3.40
CA GLY A 43 -17.12 -0.62 3.94
C GLY A 43 -17.50 -1.37 5.21
N PRO A 44 -16.56 -2.14 5.79
CA PRO A 44 -16.84 -2.96 6.98
C PRO A 44 -17.44 -2.30 8.22
N GLY A 45 -17.12 -1.04 8.46
CA GLY A 45 -17.70 -0.30 9.60
C GLY A 45 -18.98 0.44 9.23
N ARG A 46 -19.65 0.01 8.15
CA ARG A 46 -21.00 0.44 7.91
C ARG A 46 -21.85 -0.15 9.03
N GLU A 47 -22.70 0.67 9.65
CA GLU A 47 -23.59 0.16 10.65
C GLU A 47 -24.96 -0.12 10.00
N LEU A 48 -25.61 -1.14 10.52
CA LEU A 48 -26.90 -1.54 10.09
C LEU A 48 -27.92 -0.67 10.80
N ILE A 49 -28.75 0.04 10.02
CA ILE A 49 -29.70 1.03 10.51
C ILE A 49 -31.12 0.46 10.46
N TYR A 50 -31.47 -0.26 9.40
CA TYR A 50 -32.73 -0.98 9.43
C TYR A 50 -32.57 -2.31 8.69
N ASN A 51 -33.41 -3.29 9.02
CA ASN A 51 -33.39 -4.57 8.32
C ASN A 51 -34.78 -5.23 8.38
N GLN A 52 -35.35 -5.56 7.21
CA GLN A 52 -36.70 -6.21 7.09
C GLN A 52 -36.79 -7.41 8.06
N LYS A 53 -35.79 -8.29 7.96
CA LYS A 53 -35.85 -9.67 8.39
C LYS A 53 -35.42 -9.85 9.85
N GLU A 54 -34.87 -8.79 10.44
CA GLU A 54 -34.14 -8.85 11.68
C GLU A 54 -34.78 -7.87 12.66
N GLY A 55 -34.52 -8.10 13.96
CA GLY A 55 -34.91 -7.33 15.17
C GLY A 55 -36.16 -6.45 15.09
N HIS A 56 -36.33 -5.66 16.14
CA HIS A 56 -37.04 -4.43 16.06
C HIS A 56 -36.00 -3.28 16.11
N PHE A 57 -36.28 -2.15 15.44
CA PHE A 57 -35.46 -0.93 15.55
C PHE A 57 -36.26 0.22 16.16
N PRO A 58 -36.07 0.50 17.48
CA PRO A 58 -36.83 1.53 18.19
C PRO A 58 -37.01 2.93 17.56
N ARG A 59 -36.00 3.40 16.83
CA ARG A 59 -36.04 4.77 16.35
C ARG A 59 -36.28 4.83 14.84
N VAL A 60 -36.84 3.76 14.28
CA VAL A 60 -37.13 3.64 12.86
C VAL A 60 -38.50 3.01 12.68
N THR A 61 -39.48 3.85 12.29
CA THR A 61 -40.66 3.36 11.60
C THR A 61 -40.30 3.19 10.12
N THR A 62 -41.14 2.50 9.39
CA THR A 62 -41.02 2.36 7.96
C THR A 62 -42.16 3.18 7.34
N VAL A 63 -41.96 3.65 6.11
CA VAL A 63 -42.83 4.66 5.51
C VAL A 63 -44.08 3.98 4.96
N SER A 64 -43.87 2.81 4.34
CA SER A 64 -44.94 1.98 3.81
C SER A 64 -45.13 0.76 4.71
N ASP A 65 -46.28 0.10 4.57
CA ASP A 65 -46.53 -1.21 5.19
C ASP A 65 -45.85 -2.28 4.32
N LEU A 66 -44.87 -3.00 4.92
CA LEU A 66 -43.99 -3.95 4.25
C LEU A 66 -44.67 -5.30 4.07
N THR A 67 -45.66 -5.57 4.93
CA THR A 67 -46.39 -6.82 4.92
C THR A 67 -47.27 -6.89 3.65
N LYS A 68 -47.63 -5.75 3.07
CA LYS A 68 -48.44 -5.75 1.84
C LYS A 68 -47.59 -6.31 0.72
N ARG A 69 -48.27 -6.73 -0.34
CA ARG A 69 -47.72 -7.74 -1.21
C ARG A 69 -46.78 -7.09 -2.25
N ASN A 70 -47.27 -6.15 -3.07
CA ASN A 70 -46.47 -5.65 -4.21
C ASN A 70 -45.76 -4.35 -3.78
N ASN A 71 -45.20 -4.39 -2.57
CA ASN A 71 -44.53 -3.27 -1.96
C ASN A 71 -43.18 -3.07 -2.63
N MET A 72 -42.90 -1.84 -3.05
CA MET A 72 -41.65 -1.53 -3.70
C MET A 72 -41.06 -0.26 -3.10
N ASP A 73 -41.66 0.24 -2.02
CA ASP A 73 -41.14 1.39 -1.35
C ASP A 73 -40.52 0.94 -0.03
N PHE A 74 -39.29 1.38 0.18
CA PHE A 74 -38.48 0.91 1.30
C PHE A 74 -37.99 2.12 2.10
N SER A 75 -38.82 3.17 2.12
CA SER A 75 -38.42 4.42 2.70
C SER A 75 -38.63 4.37 4.21
N ILE A 76 -37.66 4.92 4.93
CA ILE A 76 -37.47 4.74 6.33
C ILE A 76 -37.65 6.11 6.92
N ARG A 77 -38.07 6.18 8.19
CA ARG A 77 -38.14 7.44 8.96
C ARG A 77 -37.33 7.33 10.26
N ILE A 78 -36.10 7.84 10.26
CA ILE A 78 -35.40 7.92 11.52
C ILE A 78 -36.01 9.08 12.33
N GLY A 79 -36.50 8.77 13.54
CA GLY A 79 -37.03 9.79 14.48
C GLY A 79 -36.00 10.29 15.47
N ALA A 80 -36.26 11.47 16.03
CA ALA A 80 -35.41 12.10 17.07
C ALA A 80 -33.99 12.20 16.53
N ILE A 81 -33.89 12.74 15.31
CA ILE A 81 -32.61 12.90 14.68
C ILE A 81 -31.74 13.81 15.57
N THR A 82 -30.62 13.26 16.05
CA THR A 82 -29.62 14.01 16.82
C THR A 82 -28.56 14.48 15.82
N PRO A 83 -27.81 15.59 16.10
CA PRO A 83 -26.69 16.01 15.25
C PRO A 83 -25.72 14.90 14.78
N ALA A 84 -25.38 13.96 15.66
CA ALA A 84 -24.50 12.83 15.30
C ALA A 84 -25.32 11.68 14.66
N ASP A 85 -26.42 12.02 13.97
CA ASP A 85 -27.07 11.14 13.03
C ASP A 85 -26.69 11.55 11.60
N ALA A 86 -26.01 12.70 11.44
CA ALA A 86 -25.44 13.02 10.15
C ALA A 86 -24.55 11.85 9.71
N GLY A 87 -24.42 11.71 8.40
CA GLY A 87 -23.72 10.62 7.77
C GLY A 87 -24.32 10.34 6.40
N THR A 88 -23.73 9.41 5.65
CA THR A 88 -24.21 8.95 4.36
C THR A 88 -24.97 7.63 4.58
N TYR A 89 -26.23 7.59 4.15
CA TYR A 89 -27.01 6.34 4.26
C TYR A 89 -27.26 5.71 2.90
N TYR A 90 -27.14 4.38 2.87
CA TYR A 90 -27.16 3.56 1.70
C TYR A 90 -28.24 2.47 1.82
N CYS A 91 -29.23 2.52 0.92
CA CYS A 91 -30.25 1.52 0.77
C CYS A 91 -29.68 0.38 -0.07
N VAL A 92 -29.69 -0.85 0.46
CA VAL A 92 -29.01 -2.02 -0.14
C VAL A 92 -29.98 -3.21 -0.23
N LYS A 93 -30.16 -3.73 -1.45
CA LYS A 93 -30.85 -5.01 -1.68
C LYS A 93 -29.86 -6.15 -1.50
N PHE A 94 -30.26 -7.15 -0.70
CA PHE A 94 -29.57 -8.42 -0.63
C PHE A 94 -30.39 -9.46 -1.39
N ARG A 95 -29.74 -10.51 -1.89
CA ARG A 95 -30.42 -11.61 -2.61
C ARG A 95 -30.44 -12.84 -1.71
N LYS A 96 -31.17 -13.87 -2.12
CA LYS A 96 -31.18 -15.14 -1.40
C LYS A 96 -29.82 -15.84 -1.61
N GLY A 97 -29.34 -16.52 -0.56
CA GLY A 97 -28.07 -17.25 -0.56
C GLY A 97 -28.24 -18.62 0.08
N SER A 98 -27.18 -19.09 0.77
CA SER A 98 -27.14 -20.38 1.51
C SER A 98 -26.56 -20.16 2.91
N PRO A 99 -25.27 -19.75 3.05
CA PRO A 99 -24.82 -19.06 4.27
C PRO A 99 -25.66 -17.79 4.43
N ASP A 100 -26.02 -17.22 3.27
CA ASP A 100 -27.33 -16.68 2.96
C ASP A 100 -27.29 -15.17 2.99
N ASP A 101 -28.01 -14.60 2.00
CA ASP A 101 -28.31 -13.20 1.87
C ASP A 101 -27.00 -12.46 1.62
N VAL A 102 -26.66 -12.36 0.34
CA VAL A 102 -25.49 -11.70 -0.10
C VAL A 102 -25.96 -10.38 -0.72
N GLU A 103 -25.07 -9.40 -0.66
CA GLU A 103 -25.31 -8.09 -1.17
C GLU A 103 -25.51 -8.19 -2.68
N PHE A 104 -26.67 -7.72 -3.14
CA PHE A 104 -26.96 -7.70 -4.53
C PHE A 104 -26.62 -6.31 -5.05
N LYS A 105 -27.38 -5.29 -4.65
CA LYS A 105 -27.26 -3.94 -5.24
C LYS A 105 -27.47 -2.84 -4.20
N SER A 106 -26.65 -1.78 -4.30
CA SER A 106 -26.73 -0.59 -3.47
C SER A 106 -27.25 0.59 -4.27
N GLY A 107 -28.22 1.29 -3.69
CA GLY A 107 -28.48 2.67 -4.02
C GLY A 107 -27.26 3.53 -3.75
N ALA A 108 -27.16 4.60 -4.53
CA ALA A 108 -25.98 5.42 -4.68
C ALA A 108 -25.77 6.37 -3.48
N GLY A 109 -26.74 6.44 -2.55
CA GLY A 109 -26.49 7.07 -1.25
C GLY A 109 -27.27 8.35 -1.05
N THR A 110 -27.52 8.70 0.22
CA THR A 110 -28.29 9.87 0.64
C THR A 110 -27.61 10.54 1.83
N GLU A 111 -26.90 11.64 1.59
CA GLU A 111 -26.15 12.30 2.66
C GLU A 111 -27.16 12.98 3.57
N LEU A 112 -27.16 12.62 4.85
CA LEU A 112 -27.99 13.32 5.84
C LEU A 112 -27.20 14.44 6.49
N SER A 113 -27.88 15.53 6.84
CA SER A 113 -27.29 16.65 7.58
C SER A 113 -28.32 17.32 8.51
N VAL A 114 -27.93 17.53 9.77
CA VAL A 114 -28.80 18.16 10.80
C VAL A 114 -28.37 19.60 11.06
N ARG A 115 -29.17 20.53 10.52
CA ARG A 115 -29.20 21.95 10.91
C ARG A 115 -29.98 22.05 12.23
N ALA A 116 -29.28 22.38 13.32
CA ALA A 116 -29.94 22.69 14.61
C ALA A 116 -30.81 23.95 14.43
N LYS A 117 -32.15 23.79 14.31
CA LYS A 117 -33.07 24.90 13.89
C LYS A 117 -34.52 24.72 14.35
N PRO A 118 -35.20 25.83 14.79
CA PRO A 118 -36.52 25.75 15.44
C PRO A 118 -37.74 25.76 14.51
N ASP B 1 -9.05 17.05 -3.33
CA ASP B 1 -8.05 15.93 -3.22
C ASP B 1 -8.15 15.30 -1.83
N VAL B 2 -7.81 14.01 -1.74
CA VAL B 2 -7.76 13.27 -0.48
C VAL B 2 -6.32 12.95 -0.10
N GLN B 3 -5.97 13.17 1.17
CA GLN B 3 -4.60 12.99 1.70
C GLN B 3 -4.70 12.20 3.02
N LEU B 4 -3.94 11.12 3.13
CA LEU B 4 -3.89 10.34 4.33
C LEU B 4 -2.45 10.24 4.82
N VAL B 5 -2.16 10.65 6.07
CA VAL B 5 -0.78 10.60 6.53
C VAL B 5 -0.67 9.81 7.83
N GLU B 6 -0.18 8.57 7.74
CA GLU B 6 0.08 7.76 8.90
C GLU B 6 1.31 8.30 9.63
N SER B 7 1.38 8.02 10.92
CA SER B 7 2.64 8.14 11.63
C SER B 7 2.60 7.23 12.86
N GLY B 8 3.76 7.13 13.53
CA GLY B 8 3.96 6.28 14.72
C GLY B 8 4.99 5.21 14.46
N GLY B 9 5.45 5.14 13.19
CA GLY B 9 6.31 4.09 12.70
C GLY B 9 7.67 4.18 13.34
N GLY B 10 8.23 3.01 13.65
CA GLY B 10 9.55 2.93 14.15
C GLY B 10 9.76 1.56 14.75
N VAL B 11 10.75 1.44 15.64
CA VAL B 11 10.95 0.19 16.40
C VAL B 11 10.23 0.32 17.76
N VAL B 12 9.56 -0.76 18.15
CA VAL B 12 9.02 -0.94 19.49
C VAL B 12 9.56 -2.26 20.04
N ARG B 13 9.57 -2.38 21.37
CA ARG B 13 10.18 -3.56 21.96
C ARG B 13 9.11 -4.65 21.98
N PRO B 14 9.50 -5.94 21.83
CA PRO B 14 8.50 -7.00 21.76
C PRO B 14 7.68 -6.93 23.05
N GLY B 15 6.40 -7.27 22.95
CA GLY B 15 5.52 -7.41 24.11
C GLY B 15 5.02 -6.08 24.66
N GLU B 16 5.34 -4.95 23.99
CA GLU B 16 4.95 -3.62 24.44
C GLU B 16 3.94 -3.02 23.45
N SER B 17 3.59 -1.75 23.70
CA SER B 17 2.39 -1.11 23.12
C SER B 17 2.81 0.10 22.27
N LEU B 18 1.93 0.50 21.36
CA LEU B 18 2.24 1.55 20.42
C LEU B 18 0.99 1.93 19.63
N THR B 19 0.93 3.20 19.22
CA THR B 19 -0.23 3.77 18.66
C THR B 19 0.11 4.40 17.32
N LEU B 20 -0.73 4.11 16.33
CA LEU B 20 -0.60 4.73 15.02
C LEU B 20 -1.69 5.78 14.89
N SER B 21 -1.33 6.85 14.19
CA SER B 21 -2.18 7.94 13.84
C SER B 21 -2.24 7.95 12.32
N CYS B 22 -3.27 8.63 11.83
CA CYS B 22 -3.54 8.82 10.44
C CYS B 22 -4.37 10.10 10.38
N THR B 23 -3.85 11.14 9.73
CA THR B 23 -4.62 12.39 9.55
C THR B 23 -5.22 12.41 8.13
N ALA B 24 -6.43 12.96 8.04
CA ALA B 24 -7.23 12.86 6.87
C ALA B 24 -7.75 14.25 6.47
N SER B 25 -7.68 14.53 5.17
CA SER B 25 -8.13 15.79 4.60
C SER B 25 -8.74 15.52 3.23
N GLY B 26 -9.54 16.48 2.74
CA GLY B 26 -10.09 16.44 1.38
C GLY B 26 -11.43 15.70 1.26
N PHE B 27 -11.97 15.24 2.39
CA PHE B 27 -13.24 14.54 2.39
C PHE B 27 -13.84 14.69 3.79
N THR B 28 -15.05 14.14 3.98
CA THR B 28 -15.87 14.44 5.14
C THR B 28 -15.73 13.32 6.16
N PHE B 29 -14.59 13.36 6.82
CA PHE B 29 -14.14 12.37 7.75
C PHE B 29 -15.28 11.77 8.60
N THR B 30 -16.09 12.62 9.24
CA THR B 30 -17.21 12.20 10.09
C THR B 30 -18.15 11.23 9.35
N SER B 31 -18.41 11.47 8.07
CA SER B 31 -19.42 10.73 7.30
C SER B 31 -18.75 9.63 6.46
N SER B 32 -17.77 8.96 7.05
CA SER B 32 -16.87 8.11 6.33
C SER B 32 -16.31 7.09 7.30
N THR B 33 -16.25 5.83 6.85
CA THR B 33 -15.71 4.69 7.56
C THR B 33 -14.20 4.69 7.34
N MET B 34 -13.45 3.96 8.16
CA MET B 34 -12.01 3.87 8.06
C MET B 34 -11.50 2.45 8.31
N ASN B 35 -10.45 2.04 7.59
CA ASN B 35 -9.78 0.81 7.89
C ASN B 35 -8.27 1.00 8.05
N TRP B 36 -7.64 0.04 8.76
CA TRP B 36 -6.23 -0.20 8.80
C TRP B 36 -5.97 -1.55 8.12
N VAL B 37 -5.02 -1.55 7.17
CA VAL B 37 -4.43 -2.78 6.65
C VAL B 37 -2.90 -2.69 6.76
N ARG B 38 -2.25 -3.85 6.92
CA ARG B 38 -0.81 -3.94 7.05
C ARG B 38 -0.21 -4.95 6.06
N GLN B 39 1.10 -4.85 5.83
CA GLN B 39 1.77 -5.71 4.90
C GLN B 39 3.20 -6.03 5.38
N ALA B 40 3.37 -7.21 5.98
CA ALA B 40 4.72 -7.72 6.26
C ALA B 40 5.58 -7.48 5.02
N PRO B 41 6.81 -6.92 5.12
CA PRO B 41 7.63 -6.63 3.94
C PRO B 41 7.78 -7.84 2.99
N GLY B 42 7.42 -7.60 1.72
CA GLY B 42 7.42 -8.62 0.68
C GLY B 42 6.48 -9.80 0.95
N GLU B 43 5.36 -9.54 1.64
CA GLU B 43 4.21 -10.47 1.77
C GLU B 43 2.94 -9.70 1.41
N GLY B 44 1.78 -10.29 1.73
CA GLY B 44 0.50 -9.78 1.26
C GLY B 44 -0.20 -8.83 2.23
N LEU B 45 -1.11 -8.04 1.68
CA LEU B 45 -2.08 -7.23 2.42
C LEU B 45 -2.92 -8.14 3.33
N ASP B 46 -3.11 -7.69 4.58
CA ASP B 46 -3.86 -8.32 5.62
C ASP B 46 -4.70 -7.23 6.29
N TRP B 47 -6.03 -7.45 6.36
CA TRP B 47 -6.94 -6.56 7.03
C TRP B 47 -6.58 -6.62 8.51
N VAL B 48 -6.71 -5.51 9.22
CA VAL B 48 -6.35 -5.48 10.61
C VAL B 48 -7.58 -5.03 11.42
N SER B 49 -8.17 -3.91 11.01
CA SER B 49 -9.35 -3.40 11.70
C SER B 49 -10.13 -2.39 10.87
N SER B 50 -11.41 -2.21 11.23
CA SER B 50 -12.29 -1.17 10.62
C SER B 50 -12.97 -0.38 11.75
N ILE B 51 -13.49 0.81 11.42
CA ILE B 51 -14.22 1.62 12.37
C ILE B 51 -15.34 2.39 11.65
N SER B 52 -16.45 2.63 12.36
CA SER B 52 -17.61 3.24 11.78
C SER B 52 -17.46 4.75 11.84
N THR B 53 -18.34 5.43 11.08
CA THR B 53 -18.48 6.90 11.08
C THR B 53 -18.28 7.42 12.50
N SER B 54 -19.13 6.92 13.39
CA SER B 54 -19.37 7.37 14.76
C SER B 54 -18.14 7.06 15.62
N GLY B 55 -17.63 5.83 15.53
CA GLY B 55 -16.57 5.33 16.41
C GLY B 55 -17.03 4.24 17.36
N VAL B 56 -18.37 4.09 17.50
CA VAL B 56 -19.04 3.16 18.45
C VAL B 56 -18.90 1.68 18.03
N ILE B 57 -18.78 1.40 16.73
CA ILE B 57 -18.58 0.03 16.26
C ILE B 57 -17.13 -0.06 15.80
N THR B 58 -16.42 -1.03 16.40
CA THR B 58 -15.15 -1.45 15.95
C THR B 58 -15.21 -2.94 15.62
N TYR B 59 -14.54 -3.28 14.51
CA TYR B 59 -14.30 -4.64 14.04
C TYR B 59 -12.78 -4.88 13.88
N TYR B 60 -12.36 -6.12 14.10
CA TYR B 60 -10.95 -6.54 14.16
C TYR B 60 -10.71 -7.92 13.50
N ALA B 61 -9.46 -8.14 13.14
CA ALA B 61 -9.12 -9.31 12.43
C ALA B 61 -8.58 -10.28 13.47
N ASP B 62 -8.70 -11.60 13.23
CA ASP B 62 -8.18 -12.58 14.18
C ASP B 62 -6.70 -12.31 14.46
N SER B 63 -5.99 -11.82 13.45
CA SER B 63 -4.62 -11.29 13.55
C SER B 63 -4.34 -10.75 14.95
N VAL B 64 -5.27 -9.90 15.41
CA VAL B 64 -5.00 -8.95 16.47
C VAL B 64 -6.19 -8.78 17.44
N LYS B 65 -7.26 -9.56 17.30
CA LYS B 65 -8.45 -9.33 18.11
C LYS B 65 -8.03 -9.52 19.57
N GLY B 66 -8.50 -8.62 20.45
CA GLY B 66 -8.14 -8.63 21.86
C GLY B 66 -7.05 -7.61 22.15
N ARG B 67 -5.98 -7.66 21.37
CA ARG B 67 -4.74 -6.92 21.65
C ARG B 67 -4.55 -5.74 20.69
N ALA B 68 -5.66 -5.24 20.11
CA ALA B 68 -5.64 -3.95 19.41
C ALA B 68 -6.92 -3.20 19.71
N THR B 69 -6.77 -1.87 19.81
CA THR B 69 -7.85 -0.90 19.87
C THR B 69 -7.76 0.05 18.69
N ILE B 70 -8.78 0.02 17.82
CA ILE B 70 -8.97 1.06 16.79
C ILE B 70 -9.84 2.18 17.36
N SER B 71 -9.52 3.43 17.03
CA SER B 71 -10.20 4.60 17.61
C SER B 71 -10.16 5.75 16.60
N ARG B 72 -11.12 6.68 16.71
CA ARG B 72 -11.03 7.88 15.86
C ARG B 72 -11.34 9.12 16.71
N ASP B 73 -10.98 10.28 16.16
CA ASP B 73 -11.27 11.60 16.71
C ASP B 73 -11.66 12.51 15.55
N ASN B 74 -12.96 12.69 15.37
CA ASN B 74 -13.49 13.36 14.19
C ASN B 74 -13.16 14.84 14.29
N SER B 75 -13.18 15.39 15.51
CA SER B 75 -12.89 16.80 15.76
C SER B 75 -11.55 17.24 15.14
N LYS B 76 -10.54 16.36 15.05
CA LYS B 76 -9.27 16.70 14.36
C LYS B 76 -8.92 15.66 13.30
N ASN B 77 -9.97 15.08 12.67
CA ASN B 77 -9.89 14.22 11.47
C ASN B 77 -8.79 13.16 11.58
N THR B 78 -8.70 12.50 12.74
CA THR B 78 -7.58 11.61 13.00
C THR B 78 -8.11 10.24 13.44
N LEU B 79 -7.41 9.20 12.95
CA LEU B 79 -7.71 7.77 13.19
C LEU B 79 -6.50 7.14 13.88
N TYR B 80 -6.74 6.19 14.79
CA TYR B 80 -5.71 5.64 15.68
C TYR B 80 -5.75 4.11 15.66
N LEU B 81 -4.81 3.51 16.37
CA LEU B 81 -4.68 2.10 16.45
C LEU B 81 -3.60 1.78 17.49
N ARG B 82 -4.00 1.55 18.75
CA ARG B 82 -3.08 1.11 19.80
C ARG B 82 -2.90 -0.40 19.59
N LEU B 83 -1.68 -0.88 19.77
CA LEU B 83 -1.41 -2.28 19.56
C LEU B 83 -0.60 -2.80 20.74
N PHE B 84 -1.04 -3.94 21.28
CA PHE B 84 -0.55 -4.40 22.54
C PHE B 84 0.22 -5.69 22.33
N SER B 85 1.15 -5.94 23.26
CA SER B 85 2.00 -7.15 23.33
C SER B 85 2.50 -7.53 21.93
N LEU B 86 3.38 -6.68 21.40
CA LEU B 86 3.82 -6.73 20.03
C LEU B 86 4.73 -7.94 19.81
N ARG B 87 4.54 -8.60 18.66
CA ARG B 87 5.20 -9.85 18.29
C ARG B 87 5.95 -9.63 16.99
N ALA B 88 6.99 -10.44 16.74
CA ALA B 88 7.67 -10.49 15.45
C ALA B 88 6.68 -10.54 14.27
N ASP B 89 5.55 -11.27 14.44
CA ASP B 89 4.45 -11.40 13.44
C ASP B 89 3.93 -10.03 12.98
N ASP B 90 3.97 -9.03 13.87
CA ASP B 90 3.26 -7.81 13.75
C ASP B 90 4.05 -6.78 12.96
N THR B 91 5.38 -6.94 12.91
CA THR B 91 6.25 -6.13 12.05
C THR B 91 5.65 -6.01 10.65
N ALA B 92 5.32 -4.80 10.23
CA ALA B 92 4.59 -4.61 9.04
C ALA B 92 4.66 -3.15 8.63
N ILE B 93 4.31 -2.86 7.37
CA ILE B 93 3.88 -1.52 6.96
C ILE B 93 2.39 -1.50 7.16
N TYR B 94 1.91 -0.42 7.78
CA TYR B 94 0.54 -0.25 8.20
C TYR B 94 -0.10 0.93 7.47
N TYR B 95 -1.18 0.65 6.73
CA TYR B 95 -1.83 1.66 5.91
C TYR B 95 -3.23 1.92 6.45
N CYS B 96 -3.63 3.17 6.56
CA CYS B 96 -5.02 3.45 6.73
C CYS B 96 -5.62 3.55 5.33
N ALA B 97 -6.91 3.29 5.24
CA ALA B 97 -7.62 3.33 4.04
C ALA B 97 -9.05 3.73 4.35
N THR B 98 -9.58 4.61 3.50
CA THR B 98 -10.96 5.04 3.55
C THR B 98 -11.92 3.89 3.22
N ASP B 99 -13.10 3.99 3.86
CA ASP B 99 -14.41 3.55 3.33
C ASP B 99 -14.31 2.16 2.72
N THR B 100 -14.15 2.13 1.40
CA THR B 100 -14.22 0.94 0.65
C THR B 100 -12.85 0.72 0.02
N PHE B 101 -11.81 1.14 0.76
CA PHE B 101 -10.46 0.99 0.35
C PHE B 101 -10.24 1.71 -0.98
N ASP B 102 -10.75 2.95 -1.06
CA ASP B 102 -10.77 3.76 -2.30
C ASP B 102 -9.55 4.70 -2.33
N HIS B 103 -8.97 5.01 -1.16
CA HIS B 103 -7.77 5.81 -1.05
C HIS B 103 -6.87 5.24 0.04
N TRP B 104 -5.56 5.45 -0.08
CA TRP B 104 -4.58 4.77 0.78
C TRP B 104 -3.51 5.74 1.27
N GLY B 105 -3.14 5.56 2.54
CA GLY B 105 -2.01 6.24 3.13
C GLY B 105 -0.72 5.73 2.52
N PRO B 106 0.40 6.50 2.59
CA PRO B 106 1.69 6.02 2.10
C PRO B 106 2.20 4.85 2.94
N GLY B 107 1.76 4.79 4.21
CA GLY B 107 2.01 3.70 5.14
C GLY B 107 3.16 4.04 6.08
N THR B 108 3.18 3.35 7.20
CA THR B 108 4.17 3.62 8.22
C THR B 108 4.69 2.26 8.66
N LEU B 109 6.02 2.11 8.59
CA LEU B 109 6.65 0.83 8.84
C LEU B 109 6.88 0.73 10.34
N VAL B 110 6.35 -0.34 10.92
CA VAL B 110 6.51 -0.68 12.33
C VAL B 110 7.38 -1.94 12.43
N THR B 111 8.44 -1.86 13.22
CA THR B 111 9.42 -2.90 13.35
C THR B 111 9.45 -3.25 14.83
N VAL B 112 9.13 -4.51 15.17
CA VAL B 112 9.15 -5.01 16.52
C VAL B 112 10.53 -5.60 16.80
N SER B 113 11.24 -5.01 17.77
CA SER B 113 12.63 -5.40 17.96
C SER B 113 13.18 -4.82 19.26
N SER B 114 14.15 -5.52 19.85
CA SER B 114 14.90 -5.03 20.99
C SER B 114 16.27 -4.54 20.55
N ALA B 115 16.33 -3.96 19.34
CA ALA B 115 17.51 -3.32 18.81
C ALA B 115 17.31 -1.79 18.79
N SER B 116 18.36 -1.05 19.17
CA SER B 116 18.20 0.37 19.42
C SER B 116 18.17 1.11 18.08
N THR B 117 17.50 2.26 18.07
CA THR B 117 17.34 3.03 16.90
C THR B 117 18.69 3.67 16.57
N LYS B 118 19.23 3.30 15.42
CA LYS B 118 20.46 3.84 14.91
C LYS B 118 20.15 4.68 13.66
N GLY B 119 20.59 5.94 13.69
CA GLY B 119 20.56 6.80 12.52
C GLY B 119 21.69 6.43 11.57
N PRO B 120 21.55 6.70 10.26
CA PRO B 120 22.54 6.28 9.27
C PRO B 120 23.76 7.21 9.10
N SER B 121 24.95 6.65 8.91
CA SER B 121 26.06 7.37 8.26
C SER B 121 25.64 7.57 6.79
N VAL B 122 26.24 8.53 6.08
CA VAL B 122 26.02 8.67 4.63
C VAL B 122 27.35 8.97 3.94
N PHE B 123 27.67 8.19 2.88
CA PHE B 123 28.89 8.30 2.11
C PHE B 123 28.61 8.48 0.62
N PRO B 124 29.48 9.20 -0.12
CA PRO B 124 29.26 9.49 -1.54
C PRO B 124 29.80 8.36 -2.42
N LEU B 125 29.21 8.21 -3.61
CA LEU B 125 29.68 7.28 -4.60
C LEU B 125 30.06 8.08 -5.87
N ALA B 126 31.31 8.58 -5.90
CA ALA B 126 31.80 9.46 -6.97
C ALA B 126 32.15 8.61 -8.18
N PRO B 127 31.87 9.07 -9.42
CA PRO B 127 32.44 8.44 -10.63
C PRO B 127 33.75 9.10 -11.09
N ALA B 138 26.98 7.89 -13.71
CA ALA B 138 26.57 6.96 -12.63
C ALA B 138 27.21 7.37 -11.30
N LEU B 139 26.40 8.00 -10.45
CA LEU B 139 26.84 8.34 -9.11
C LEU B 139 25.70 8.14 -8.12
N GLY B 140 26.06 7.83 -6.88
CA GLY B 140 25.10 7.58 -5.82
C GLY B 140 25.61 8.10 -4.49
N CYS B 141 24.84 7.85 -3.46
CA CYS B 141 25.33 7.87 -2.12
C CYS B 141 24.96 6.55 -1.45
N LEU B 142 25.95 6.00 -0.76
CA LEU B 142 25.80 4.90 0.11
C LEU B 142 25.27 5.47 1.41
N VAL B 143 24.26 4.81 2.00
CA VAL B 143 23.72 5.30 3.22
C VAL B 143 23.58 4.10 4.14
N LYS B 144 24.42 4.08 5.16
CA LYS B 144 24.97 2.87 5.73
C LYS B 144 24.75 2.84 7.25
N ASP B 145 24.44 1.65 7.77
CA ASP B 145 24.39 1.32 9.21
C ASP B 145 23.27 2.12 9.88
N TYR B 146 22.03 1.85 9.45
CA TYR B 146 20.86 2.47 10.04
C TYR B 146 19.85 1.37 10.45
N PHE B 147 19.01 1.72 11.42
CA PHE B 147 18.02 0.82 11.98
C PHE B 147 16.90 1.64 12.58
N PRO B 148 15.63 1.25 12.38
CA PRO B 148 15.21 0.24 11.41
C PRO B 148 14.97 0.87 10.05
N GLU B 149 14.48 0.11 9.07
CA GLU B 149 13.96 0.69 7.81
C GLU B 149 12.74 1.60 8.08
N PRO B 150 12.29 2.46 7.14
CA PRO B 150 12.98 2.80 5.89
C PRO B 150 13.78 4.12 5.87
N VAL B 151 14.56 4.35 4.80
CA VAL B 151 15.04 5.68 4.50
C VAL B 151 14.52 6.10 3.12
N THR B 152 14.36 7.41 2.89
CA THR B 152 13.90 7.95 1.60
C THR B 152 14.86 9.02 1.08
N VAL B 153 15.64 8.61 0.08
CA VAL B 153 16.64 9.41 -0.55
C VAL B 153 16.01 10.15 -1.73
N SER B 154 15.96 11.49 -1.64
CA SER B 154 15.75 12.34 -2.77
C SER B 154 17.08 13.03 -3.17
N TRP B 155 17.04 13.87 -4.21
CA TRP B 155 18.27 14.38 -4.91
C TRP B 155 18.07 15.83 -5.40
N ASN B 156 18.89 16.75 -4.89
CA ASN B 156 18.74 18.12 -5.21
C ASN B 156 17.34 18.50 -4.76
N SER B 157 16.94 17.96 -3.61
CA SER B 157 15.54 17.90 -3.21
C SER B 157 14.74 17.14 -4.30
N GLY B 158 13.51 17.57 -4.59
CA GLY B 158 12.68 16.86 -5.55
C GLY B 158 12.92 17.35 -6.97
N ALA B 159 14.05 18.03 -7.18
CA ALA B 159 14.36 18.72 -8.42
C ALA B 159 15.08 17.78 -9.40
N LEU B 160 15.70 16.73 -8.88
CA LEU B 160 16.23 15.68 -9.72
C LEU B 160 15.55 14.35 -9.38
N THR B 161 14.97 13.71 -10.40
CA THR B 161 14.11 12.50 -10.22
C THR B 161 14.26 11.52 -11.39
N SER B 162 14.55 12.03 -12.60
CA SER B 162 14.83 11.19 -13.77
C SER B 162 16.23 10.57 -13.64
N GLY B 163 16.30 9.28 -13.95
CA GLY B 163 17.54 8.49 -13.89
C GLY B 163 17.93 8.12 -12.47
N VAL B 164 16.96 8.20 -11.55
CA VAL B 164 17.18 8.04 -10.13
C VAL B 164 16.54 6.74 -9.71
N HIS B 165 17.36 5.86 -9.13
CA HIS B 165 16.92 4.62 -8.56
C HIS B 165 17.49 4.53 -7.16
N THR B 166 16.59 4.38 -6.18
CA THR B 166 16.95 4.05 -4.84
C THR B 166 16.70 2.56 -4.67
N PHE B 167 17.70 1.85 -4.15
CA PHE B 167 17.66 0.45 -4.12
C PHE B 167 16.95 0.08 -2.83
N PRO B 168 16.48 -1.18 -2.69
CA PRO B 168 16.11 -1.69 -1.38
C PRO B 168 17.35 -1.78 -0.48
N ALA B 169 17.06 -2.01 0.81
CA ALA B 169 18.02 -2.24 1.82
C ALA B 169 18.42 -3.71 1.86
N VAL B 170 19.71 -3.96 2.15
CA VAL B 170 20.19 -5.29 2.59
C VAL B 170 20.46 -5.24 4.10
N LEU B 171 20.20 -6.37 4.77
CA LEU B 171 20.36 -6.51 6.19
C LEU B 171 21.63 -7.30 6.46
N GLN B 172 22.63 -6.59 7.01
CA GLN B 172 23.96 -7.11 7.18
C GLN B 172 24.07 -7.98 8.42
N SER B 173 25.19 -8.72 8.49
CA SER B 173 25.51 -9.61 9.60
C SER B 173 25.35 -8.87 10.95
N SER B 174 25.59 -7.55 10.96
CA SER B 174 25.50 -6.74 12.17
C SER B 174 24.05 -6.31 12.46
N GLY B 175 23.05 -6.92 11.82
CA GLY B 175 21.63 -6.59 12.06
C GLY B 175 21.30 -5.12 11.77
N LEU B 176 22.16 -4.45 10.98
CA LEU B 176 22.02 -3.05 10.60
C LEU B 176 21.83 -2.99 9.09
N TYR B 177 21.00 -2.04 8.62
CA TYR B 177 20.63 -1.91 7.24
C TYR B 177 21.51 -0.87 6.57
N SER B 178 21.91 -1.15 5.33
CA SER B 178 22.41 -0.12 4.41
C SER B 178 21.64 -0.19 3.08
N LEU B 179 21.57 0.94 2.37
CA LEU B 179 20.93 1.05 1.06
C LEU B 179 21.72 2.04 0.19
N SER B 180 21.30 2.20 -1.06
CA SER B 180 21.91 3.15 -1.96
C SER B 180 20.90 3.72 -2.94
N SER B 181 21.10 4.99 -3.28
CA SER B 181 20.47 5.59 -4.39
C SER B 181 21.55 6.02 -5.36
N VAL B 182 21.16 6.08 -6.64
CA VAL B 182 22.05 6.28 -7.73
C VAL B 182 21.30 7.04 -8.82
N VAL B 183 22.09 7.77 -9.61
CA VAL B 183 21.67 8.49 -10.82
C VAL B 183 22.67 8.21 -11.92
N THR B 184 22.19 7.95 -13.14
CA THR B 184 23.05 8.03 -14.32
C THR B 184 23.02 9.48 -14.76
N VAL B 185 24.21 10.00 -15.12
CA VAL B 185 24.37 11.40 -15.41
C VAL B 185 25.22 11.57 -16.66
N PRO B 186 25.03 12.68 -17.40
CA PRO B 186 25.97 13.03 -18.46
C PRO B 186 27.35 13.29 -17.83
N SER B 187 28.37 12.58 -18.32
CA SER B 187 29.76 12.75 -17.85
C SER B 187 30.39 14.10 -18.28
N SER B 188 29.63 14.97 -18.98
CA SER B 188 30.10 16.32 -19.41
C SER B 188 29.51 17.43 -18.53
N SER B 189 28.82 17.06 -17.44
CA SER B 189 28.01 18.00 -16.65
C SER B 189 28.60 18.24 -15.25
N LEU B 190 29.81 17.71 -14.98
CA LEU B 190 30.41 17.71 -13.63
C LEU B 190 31.36 18.91 -13.48
N GLY B 191 31.24 19.62 -12.35
CA GLY B 191 31.85 20.94 -12.13
C GLY B 191 30.81 22.05 -12.21
N THR B 192 29.82 21.88 -13.12
CA THR B 192 28.63 22.78 -13.24
C THR B 192 27.55 22.26 -12.28
N GLN B 193 26.75 21.27 -12.73
CA GLN B 193 25.62 20.75 -11.93
C GLN B 193 26.18 19.96 -10.74
N THR B 194 25.84 20.43 -9.52
CA THR B 194 26.17 19.73 -8.28
C THR B 194 24.98 18.84 -7.90
N TYR B 195 25.32 17.78 -7.15
CA TYR B 195 24.44 16.71 -6.80
C TYR B 195 24.47 16.56 -5.27
N ILE B 196 23.30 16.64 -4.65
CA ILE B 196 23.05 16.54 -3.21
C ILE B 196 21.99 15.47 -3.00
N CYS B 197 22.33 14.43 -2.21
CA CYS B 197 21.31 13.47 -1.86
C CYS B 197 20.85 13.71 -0.42
N ASN B 198 19.52 13.70 -0.25
CA ASN B 198 18.88 14.12 0.95
C ASN B 198 18.19 12.91 1.57
N VAL B 199 18.80 12.40 2.62
CA VAL B 199 18.37 11.18 3.26
C VAL B 199 17.42 11.52 4.42
N ASN B 200 16.28 10.82 4.44
CA ASN B 200 15.27 10.96 5.45
C ASN B 200 15.19 9.62 6.17
N HIS B 201 15.12 9.67 7.51
CA HIS B 201 15.00 8.49 8.34
C HIS B 201 14.24 8.91 9.60
N LYS B 202 12.90 8.94 9.47
CA LYS B 202 12.00 9.35 10.53
C LYS B 202 12.17 8.49 11.77
N PRO B 203 12.35 7.16 11.70
CA PRO B 203 12.65 6.37 12.89
C PRO B 203 13.74 6.93 13.81
N SER B 204 14.71 7.69 13.29
CA SER B 204 15.70 8.38 14.12
C SER B 204 15.49 9.91 14.13
N ASN B 205 14.47 10.38 13.43
CA ASN B 205 14.16 11.79 13.27
C ASN B 205 15.36 12.51 12.66
N THR B 206 16.02 11.84 11.72
CA THR B 206 17.30 12.30 11.23
C THR B 206 17.18 12.49 9.71
N LYS B 207 17.60 13.68 9.25
CA LYS B 207 17.82 13.97 7.83
C LYS B 207 19.33 14.19 7.61
N VAL B 208 19.85 13.77 6.46
CA VAL B 208 21.31 13.92 6.15
C VAL B 208 21.50 14.25 4.66
N ASP B 209 21.81 15.51 4.36
CA ASP B 209 22.14 15.94 3.00
C ASP B 209 23.66 15.84 2.79
N LYS B 210 24.09 14.95 1.88
CA LYS B 210 25.52 14.81 1.51
C LYS B 210 25.75 15.19 0.03
N LYS B 211 26.78 16.00 -0.22
CA LYS B 211 27.17 16.48 -1.56
C LYS B 211 28.11 15.44 -2.20
N VAL B 212 27.92 15.18 -3.50
CA VAL B 212 28.62 14.09 -4.23
C VAL B 212 29.43 14.67 -5.38
N GLU B 213 30.75 14.71 -5.20
CA GLU B 213 31.68 15.27 -6.17
C GLU B 213 32.16 14.15 -7.08
N PRO B 214 32.76 14.48 -8.26
CA PRO B 214 33.69 13.57 -8.95
C PRO B 214 35.06 13.58 -8.24
N LYS B 215 35.79 12.46 -8.31
CA LYS B 215 37.00 12.29 -7.52
C LYS B 215 38.24 12.62 -8.37
N ALA C 1 -9.72 -16.31 2.80
CA ALA C 1 -10.53 -17.30 2.02
C ALA C 1 -10.35 -17.08 0.52
N LEU C 2 -10.03 -15.84 0.12
CA LEU C 2 -9.96 -15.45 -1.29
C LEU C 2 -8.82 -16.16 -1.99
N THR C 3 -9.14 -16.89 -3.06
CA THR C 3 -8.14 -17.38 -4.00
C THR C 3 -8.20 -16.46 -5.23
N GLN C 4 -7.03 -16.22 -5.80
CA GLN C 4 -6.83 -15.49 -7.04
C GLN C 4 -5.56 -16.04 -7.68
N PRO C 5 -5.36 -15.81 -8.99
CA PRO C 5 -4.26 -16.46 -9.71
C PRO C 5 -2.92 -15.89 -9.24
N ALA C 6 -1.95 -16.77 -9.03
CA ALA C 6 -0.65 -16.37 -8.48
C ALA C 6 0.07 -15.46 -9.48
N SER C 7 -0.06 -15.77 -10.78
CA SER C 7 0.42 -14.86 -11.84
C SER C 7 -0.28 -15.18 -13.16
N VAL C 8 -0.49 -14.12 -13.95
CA VAL C 8 -0.93 -14.25 -15.32
C VAL C 8 -0.07 -13.35 -16.24
N SER C 9 0.24 -13.90 -17.41
CA SER C 9 1.13 -13.32 -18.38
C SER C 9 0.31 -12.91 -19.60
N ALA C 10 0.67 -11.80 -20.24
CA ALA C 10 -0.14 -11.24 -21.34
C ALA C 10 0.75 -10.40 -22.28
N ASN C 11 0.39 -10.35 -23.56
CA ASN C 11 1.17 -9.58 -24.53
C ASN C 11 0.56 -8.19 -24.58
N PRO C 12 1.36 -7.13 -24.88
CA PRO C 12 0.84 -5.77 -24.90
C PRO C 12 -0.30 -5.60 -25.91
N GLY C 13 -1.29 -4.80 -25.55
CA GLY C 13 -2.43 -4.51 -26.41
C GLY C 13 -3.59 -5.48 -26.20
N GLU C 14 -3.38 -6.49 -25.37
CA GLU C 14 -4.34 -7.60 -25.23
C GLU C 14 -5.20 -7.42 -23.95
N THR C 15 -6.30 -8.18 -23.87
CA THR C 15 -7.28 -7.96 -22.82
C THR C 15 -7.17 -9.05 -21.75
N VAL C 16 -6.53 -8.71 -20.63
CA VAL C 16 -6.38 -9.67 -19.57
C VAL C 16 -7.52 -9.50 -18.57
N LYS C 17 -7.98 -10.64 -18.04
CA LYS C 17 -8.90 -10.72 -16.94
C LYS C 17 -8.22 -11.48 -15.81
N ILE C 18 -8.21 -10.90 -14.61
CA ILE C 18 -7.96 -11.60 -13.36
C ILE C 18 -9.27 -11.71 -12.59
N THR C 19 -9.46 -12.81 -11.89
CA THR C 19 -10.67 -13.06 -11.24
C THR C 19 -10.29 -13.48 -9.83
N CYS C 20 -11.29 -13.38 -8.95
CA CYS C 20 -11.15 -13.60 -7.53
C CYS C 20 -12.47 -14.11 -6.94
N PHE C 21 -12.37 -15.21 -6.19
CA PHE C 21 -13.48 -15.71 -5.41
C PHE C 21 -13.03 -16.24 -4.06
N GLY C 22 -14.02 -16.35 -3.18
CA GLY C 22 -13.80 -16.69 -1.83
C GLY C 22 -14.67 -15.86 -0.89
N SER C 23 -15.48 -14.93 -1.44
CA SER C 23 -16.29 -14.02 -0.66
C SER C 23 -17.62 -13.72 -1.36
N SER C 24 -18.65 -13.51 -0.52
CA SER C 24 -20.01 -13.11 -0.90
C SER C 24 -20.12 -11.58 -0.89
N GLY C 25 -19.04 -10.90 -0.52
CA GLY C 25 -19.04 -9.49 -0.34
C GLY C 25 -18.65 -8.76 -1.61
N ASN C 26 -18.33 -7.48 -1.44
CA ASN C 26 -17.96 -6.59 -2.51
C ASN C 26 -16.45 -6.65 -2.67
N TYR C 27 -15.98 -6.42 -3.89
CA TYR C 27 -14.60 -6.66 -4.27
C TYR C 27 -13.96 -5.35 -4.63
N GLY C 28 -12.70 -5.18 -4.24
CA GLY C 28 -11.80 -4.14 -4.77
C GLY C 28 -10.59 -4.78 -5.39
N TRP C 29 -9.92 -4.06 -6.30
CA TRP C 29 -8.66 -4.45 -6.88
C TRP C 29 -7.64 -3.34 -6.62
N PHE C 30 -6.49 -3.70 -6.03
CA PHE C 30 -5.44 -2.76 -5.56
C PHE C 30 -4.12 -3.03 -6.28
N GLN C 31 -3.56 -2.03 -6.95
CA GLN C 31 -2.30 -2.20 -7.76
C GLN C 31 -1.08 -2.01 -6.86
N GLN C 32 0.01 -2.73 -7.10
CA GLN C 32 1.24 -2.46 -6.35
C GLN C 32 2.45 -2.71 -7.26
N LYS C 33 2.94 -1.60 -7.84
CA LYS C 33 4.03 -1.58 -8.79
C LYS C 33 5.23 -2.36 -8.27
N SER C 34 5.56 -2.16 -7.01
CA SER C 34 6.74 -2.76 -6.39
C SER C 34 6.44 -3.08 -4.92
N PRO C 35 7.21 -4.01 -4.29
CA PRO C 35 7.14 -4.21 -2.84
C PRO C 35 7.69 -3.04 -2.03
N GLY C 36 6.88 -2.57 -1.06
CA GLY C 36 7.12 -1.37 -0.31
C GLY C 36 6.09 -0.31 -0.66
N SER C 37 6.09 0.09 -1.95
CA SER C 37 5.28 1.19 -2.50
C SER C 37 3.80 1.00 -2.13
N ALA C 38 3.09 2.12 -1.98
CA ALA C 38 1.69 2.09 -1.57
C ALA C 38 0.85 1.43 -2.66
N PRO C 39 -0.20 0.68 -2.26
CA PRO C 39 -1.32 0.34 -3.16
C PRO C 39 -2.09 1.52 -3.80
N VAL C 40 -2.55 1.31 -5.03
CA VAL C 40 -3.43 2.26 -5.69
C VAL C 40 -4.69 1.52 -6.13
N THR C 41 -5.82 2.04 -5.69
CA THR C 41 -7.06 1.36 -6.01
C THR C 41 -7.40 1.58 -7.49
N VAL C 42 -7.52 0.48 -8.23
CA VAL C 42 -7.90 0.54 -9.61
C VAL C 42 -9.42 0.38 -9.75
N ILE C 43 -10.06 -0.29 -8.79
CA ILE C 43 -11.50 -0.53 -8.81
C ILE C 43 -11.92 -0.70 -7.37
N HIS C 44 -13.06 -0.18 -6.97
CA HIS C 44 -13.55 -0.48 -5.62
C HIS C 44 -15.06 -0.72 -5.69
N TYR C 45 -15.59 -1.37 -4.67
CA TYR C 45 -17.04 -1.70 -4.56
C TYR C 45 -17.50 -2.37 -5.85
N ASN C 46 -16.73 -3.34 -6.29
CA ASN C 46 -17.04 -4.20 -7.44
C ASN C 46 -16.62 -3.56 -8.77
N ASN C 47 -17.17 -2.39 -9.12
CA ASN C 47 -17.05 -1.85 -10.51
C ASN C 47 -16.86 -0.33 -10.54
N LYS C 48 -16.50 0.30 -9.42
CA LYS C 48 -16.24 1.74 -9.38
C LYS C 48 -14.76 1.96 -9.67
N ARG C 49 -14.48 2.77 -10.68
CA ARG C 49 -13.13 3.17 -11.04
C ARG C 49 -12.90 4.59 -10.54
N PRO C 50 -11.88 4.84 -9.68
CA PRO C 50 -11.50 6.22 -9.35
C PRO C 50 -11.30 7.08 -10.61
N SER C 51 -11.65 8.37 -10.52
CA SER C 51 -11.47 9.36 -11.60
C SER C 51 -10.06 9.27 -12.23
N ASP C 52 -9.06 9.21 -11.36
CA ASP C 52 -7.63 9.09 -11.70
C ASP C 52 -7.35 7.94 -12.68
N ILE C 53 -7.73 6.73 -12.26
CA ILE C 53 -7.39 5.48 -12.93
C ILE C 53 -7.94 5.49 -14.35
N PRO C 54 -7.15 5.04 -15.37
CA PRO C 54 -7.57 5.11 -16.77
C PRO C 54 -8.63 4.03 -17.08
N SER C 55 -9.29 4.21 -18.22
CA SER C 55 -10.55 3.58 -18.50
C SER C 55 -10.37 2.14 -18.98
N ARG C 56 -9.12 1.75 -19.26
CA ARG C 56 -8.87 0.37 -19.70
C ARG C 56 -9.18 -0.60 -18.56
N PHE C 57 -9.24 -0.08 -17.31
CA PHE C 57 -9.55 -0.86 -16.10
C PHE C 57 -11.05 -0.87 -15.85
N SER C 58 -11.61 -2.08 -15.71
CA SER C 58 -13.05 -2.25 -15.44
C SER C 58 -13.20 -3.41 -14.46
N GLY C 59 -14.24 -3.32 -13.62
CA GLY C 59 -14.53 -4.32 -12.57
C GLY C 59 -15.93 -4.87 -12.70
N SER C 60 -16.12 -6.10 -12.22
CA SER C 60 -17.41 -6.84 -12.24
C SER C 60 -17.46 -7.77 -11.03
N LYS C 61 -18.65 -7.93 -10.44
CA LYS C 61 -18.97 -9.05 -9.56
C LYS C 61 -20.04 -9.92 -10.26
N SER C 62 -19.81 -11.23 -10.34
CA SER C 62 -20.87 -12.18 -10.67
C SER C 62 -20.67 -13.45 -9.84
N GLY C 63 -21.79 -14.09 -9.55
CA GLY C 63 -21.86 -15.00 -8.45
C GLY C 63 -21.21 -14.37 -7.23
N SER C 64 -20.39 -15.17 -6.55
CA SER C 64 -19.57 -14.72 -5.44
C SER C 64 -18.11 -14.56 -5.91
N THR C 65 -17.96 -13.99 -7.12
CA THR C 65 -16.66 -13.87 -7.79
C THR C 65 -16.47 -12.46 -8.37
N GLY C 66 -15.23 -11.99 -8.29
CA GLY C 66 -14.82 -10.72 -8.81
C GLY C 66 -13.84 -10.89 -9.97
N THR C 67 -13.95 -10.00 -10.95
CA THR C 67 -13.15 -10.05 -12.09
C THR C 67 -12.68 -8.65 -12.42
N LEU C 68 -11.36 -8.48 -12.44
CA LEU C 68 -10.69 -7.28 -12.94
C LEU C 68 -10.28 -7.50 -14.40
N THR C 69 -10.66 -6.55 -15.26
CA THR C 69 -10.46 -6.60 -16.70
C THR C 69 -9.61 -5.41 -17.17
N ILE C 70 -8.39 -5.73 -17.61
CA ILE C 70 -7.54 -4.74 -18.27
C ILE C 70 -7.65 -4.96 -19.79
N THR C 71 -8.28 -4.01 -20.48
CA THR C 71 -8.51 -4.01 -21.93
C THR C 71 -7.46 -3.11 -22.61
N GLY C 72 -6.45 -3.73 -23.21
CA GLY C 72 -5.36 -3.01 -23.79
C GLY C 72 -4.29 -2.78 -22.75
N VAL C 73 -3.87 -3.89 -22.14
CA VAL C 73 -2.86 -3.90 -21.15
C VAL C 73 -1.65 -3.12 -21.70
N ARG C 74 -0.85 -2.55 -20.81
CA ARG C 74 0.29 -1.74 -21.16
C ARG C 74 1.47 -2.10 -20.25
N ALA C 75 2.65 -1.57 -20.57
CA ALA C 75 3.91 -1.95 -19.94
C ALA C 75 3.93 -1.51 -18.48
N GLU C 76 3.20 -0.41 -18.22
CA GLU C 76 3.04 0.27 -16.92
C GLU C 76 1.93 -0.34 -16.05
N ASP C 77 1.19 -1.34 -16.57
CA ASP C 77 0.13 -2.09 -15.85
C ASP C 77 0.71 -3.38 -15.27
N GLU C 78 1.87 -3.77 -15.77
CA GLU C 78 2.78 -4.72 -15.18
C GLU C 78 2.97 -4.36 -13.71
N ALA C 79 2.38 -5.18 -12.83
CA ALA C 79 2.41 -4.97 -11.38
C ALA C 79 1.85 -6.20 -10.68
N VAL C 80 1.61 -6.05 -9.37
CA VAL C 80 0.93 -7.01 -8.50
C VAL C 80 -0.46 -6.44 -8.21
N TYR C 81 -1.48 -7.28 -8.35
CA TYR C 81 -2.83 -6.88 -8.15
C TYR C 81 -3.48 -7.76 -7.10
N PHE C 82 -3.89 -7.19 -5.97
CA PHE C 82 -4.60 -7.93 -4.90
C PHE C 82 -6.10 -7.61 -4.94
N CYS C 83 -6.94 -8.65 -5.06
CA CYS C 83 -8.34 -8.50 -4.80
C CYS C 83 -8.49 -8.43 -3.27
N GLY C 84 -9.46 -7.65 -2.83
CA GLY C 84 -9.92 -7.72 -1.45
C GLY C 84 -11.42 -7.65 -1.45
N ALA C 85 -12.07 -8.20 -0.42
CA ALA C 85 -13.50 -8.14 -0.34
C ALA C 85 -13.84 -7.73 1.07
N TRP C 86 -14.93 -6.99 1.24
CA TRP C 86 -15.50 -6.71 2.60
C TRP C 86 -17.02 -7.01 2.65
N GLU C 87 -17.46 -7.38 3.85
CA GLU C 87 -18.87 -7.41 4.21
C GLU C 87 -19.00 -6.39 5.33
N THR C 88 -20.21 -6.05 5.76
CA THR C 88 -20.31 -5.39 7.04
C THR C 88 -19.66 -6.31 8.06
N GLY C 89 -18.68 -5.77 8.79
CA GLY C 89 -18.08 -6.49 9.91
C GLY C 89 -16.71 -7.10 9.64
N SER C 90 -16.30 -7.25 8.38
CA SER C 90 -15.00 -7.86 8.10
C SER C 90 -14.48 -7.49 6.71
N ALA C 91 -13.16 -7.67 6.54
CA ALA C 91 -12.50 -7.56 5.22
C ALA C 91 -11.41 -8.62 5.08
N THR C 92 -11.02 -8.86 3.83
CA THR C 92 -10.00 -9.84 3.48
C THR C 92 -9.43 -9.51 2.10
N PHE C 93 -8.19 -9.95 1.90
CA PHE C 93 -7.45 -9.77 0.65
C PHE C 93 -6.98 -11.13 0.15
N GLY C 94 -6.75 -11.20 -1.16
CA GLY C 94 -6.13 -12.37 -1.77
C GLY C 94 -4.63 -12.23 -1.64
N ALA C 95 -3.90 -13.19 -2.19
CA ALA C 95 -2.46 -13.32 -1.95
C ALA C 95 -1.66 -12.54 -3.01
N GLY C 96 -2.36 -12.03 -4.03
CA GLY C 96 -1.81 -11.13 -5.05
C GLY C 96 -1.55 -11.82 -6.38
N THR C 97 -1.99 -11.17 -7.47
CA THR C 97 -1.79 -11.66 -8.83
C THR C 97 -0.70 -10.79 -9.47
N THR C 98 0.54 -11.30 -9.52
CA THR C 98 1.63 -10.64 -10.23
C THR C 98 1.39 -10.81 -11.73
N LEU C 99 1.31 -9.68 -12.44
CA LEU C 99 1.06 -9.65 -13.91
C LEU C 99 2.33 -9.22 -14.62
N THR C 100 2.73 -9.94 -15.65
CA THR C 100 3.84 -9.48 -16.48
C THR C 100 3.41 -9.43 -17.93
N VAL C 101 3.95 -8.43 -18.63
CA VAL C 101 3.75 -8.25 -20.05
C VAL C 101 4.85 -9.00 -20.79
N LEU C 102 4.42 -9.86 -21.71
CA LEU C 102 5.30 -10.48 -22.68
C LEU C 102 5.83 -9.37 -23.61
N GLY C 103 6.92 -9.69 -24.31
CA GLY C 103 7.68 -8.73 -25.08
C GLY C 103 8.81 -8.17 -24.24
N GLN C 104 9.34 -7.02 -24.67
CA GLN C 104 10.41 -6.33 -23.97
C GLN C 104 11.68 -7.13 -24.15
N PRO C 105 12.68 -6.54 -24.85
CA PRO C 105 13.82 -7.30 -25.35
C PRO C 105 14.84 -7.55 -24.22
N LYS C 106 15.86 -8.33 -24.57
CA LYS C 106 16.75 -8.98 -23.65
C LYS C 106 18.02 -8.15 -23.52
N ALA C 107 17.88 -6.93 -23.01
CA ALA C 107 19.02 -6.06 -22.69
C ALA C 107 19.87 -6.73 -21.62
N ALA C 108 21.20 -6.61 -21.74
CA ALA C 108 22.16 -7.18 -20.79
C ALA C 108 22.50 -6.14 -19.72
N PRO C 109 23.11 -6.54 -18.58
CA PRO C 109 23.32 -5.60 -17.47
C PRO C 109 24.48 -4.61 -17.61
N SER C 110 24.35 -3.45 -16.93
CA SER C 110 25.30 -2.33 -16.89
C SER C 110 25.85 -2.13 -15.47
N VAL C 111 27.14 -2.45 -15.30
CA VAL C 111 27.78 -2.66 -14.01
C VAL C 111 28.76 -1.52 -13.70
N THR C 112 28.48 -0.73 -12.65
CA THR C 112 29.42 0.19 -12.07
C THR C 112 29.79 -0.33 -10.69
N LEU C 113 31.05 -0.20 -10.30
CA LEU C 113 31.60 -0.74 -9.06
C LEU C 113 32.40 0.37 -8.39
N PHE C 114 31.86 0.90 -7.28
CA PHE C 114 32.48 1.98 -6.53
C PHE C 114 33.43 1.42 -5.48
N PRO C 115 34.65 2.01 -5.33
CA PRO C 115 35.52 1.69 -4.19
C PRO C 115 34.95 2.37 -2.94
N PRO C 116 35.57 2.18 -1.76
CA PRO C 116 35.25 3.01 -0.60
C PRO C 116 35.71 4.45 -0.82
N SER C 117 35.08 5.37 -0.10
CA SER C 117 35.33 6.79 -0.18
C SER C 117 36.30 7.23 0.93
N SER C 118 36.96 8.38 0.73
CA SER C 118 37.84 8.97 1.74
C SER C 118 37.12 9.00 3.11
N GLU C 119 35.88 9.49 3.11
CA GLU C 119 35.06 9.60 4.33
C GLU C 119 34.93 8.25 5.04
N GLU C 120 34.74 7.17 4.26
CA GLU C 120 34.46 5.86 4.79
C GLU C 120 35.71 5.30 5.45
N LEU C 121 36.82 5.35 4.72
CA LEU C 121 38.10 4.97 5.26
C LEU C 121 38.46 5.88 6.44
N GLN C 122 38.28 7.21 6.29
CA GLN C 122 38.63 8.19 7.38
C GLN C 122 37.82 7.91 8.65
N ALA C 123 36.67 7.23 8.51
CA ALA C 123 35.89 6.69 9.64
C ALA C 123 36.05 5.16 9.71
N ASN C 124 37.26 4.69 9.35
CA ASN C 124 37.81 3.30 9.48
C ASN C 124 36.81 2.21 9.08
N LYS C 125 36.02 2.46 8.02
CA LYS C 125 35.12 1.47 7.38
C LYS C 125 35.41 1.39 5.87
N ALA C 126 35.08 0.24 5.26
CA ALA C 126 35.28 0.09 3.80
C ALA C 126 34.23 -0.83 3.15
N THR C 127 33.49 -0.32 2.16
CA THR C 127 32.51 -1.12 1.41
C THR C 127 32.59 -0.82 -0.08
N LEU C 128 32.76 -1.88 -0.88
CA LEU C 128 32.57 -1.83 -2.33
C LEU C 128 31.08 -2.00 -2.64
N VAL C 129 30.59 -1.21 -3.58
CA VAL C 129 29.22 -1.28 -3.99
C VAL C 129 29.16 -1.47 -5.47
N CYS C 130 28.64 -2.66 -5.84
CA CYS C 130 28.46 -3.05 -7.21
C CYS C 130 27.00 -2.78 -7.57
N LEU C 131 26.81 -1.95 -8.59
CA LEU C 131 25.52 -1.50 -9.06
C LEU C 131 25.26 -2.02 -10.46
N ILE C 132 24.11 -2.69 -10.61
CA ILE C 132 23.77 -3.31 -11.82
C ILE C 132 22.46 -2.72 -12.33
N SER C 133 22.45 -2.28 -13.58
CA SER C 133 21.35 -1.54 -14.09
C SER C 133 21.02 -2.03 -15.50
N ASP C 134 19.77 -1.74 -15.89
CA ASP C 134 19.25 -1.72 -17.24
C ASP C 134 19.31 -3.10 -17.89
N PHE C 135 19.01 -4.14 -17.12
CA PHE C 135 19.08 -5.47 -17.65
C PHE C 135 17.68 -6.10 -17.66
N TYR C 136 17.40 -6.94 -18.66
CA TYR C 136 16.12 -7.65 -18.73
C TYR C 136 16.36 -9.03 -19.31
N PRO C 137 15.69 -10.11 -18.87
CA PRO C 137 14.80 -10.10 -17.70
C PRO C 137 15.55 -10.24 -16.36
N GLY C 138 14.82 -10.14 -15.23
CA GLY C 138 15.40 -9.73 -13.97
C GLY C 138 16.07 -10.84 -13.19
N ALA C 139 16.82 -11.71 -13.88
CA ALA C 139 17.47 -12.89 -13.26
C ALA C 139 18.98 -12.70 -13.33
N VAL C 140 19.68 -12.64 -12.19
CA VAL C 140 21.13 -12.37 -12.20
C VAL C 140 21.85 -13.20 -11.15
N THR C 141 23.18 -13.14 -11.20
CA THR C 141 24.03 -13.85 -10.27
C THR C 141 25.31 -13.03 -10.00
N VAL C 142 25.68 -12.88 -8.75
CA VAL C 142 26.77 -12.03 -8.38
C VAL C 142 27.72 -12.79 -7.46
N ALA C 143 28.99 -12.78 -7.84
CA ALA C 143 30.03 -13.26 -7.00
C ALA C 143 31.09 -12.16 -6.91
N TRP C 144 31.97 -12.31 -5.94
CA TRP C 144 33.02 -11.38 -5.73
C TRP C 144 34.32 -12.14 -5.63
N LYS C 145 35.40 -11.41 -5.93
CA LYS C 145 36.76 -11.86 -5.91
C LYS C 145 37.60 -10.77 -5.24
N ALA C 146 38.56 -11.19 -4.42
CA ALA C 146 39.65 -10.33 -3.99
C ALA C 146 40.96 -11.00 -4.42
N ASP C 147 41.82 -10.21 -5.08
CA ASP C 147 42.79 -10.74 -6.02
C ASP C 147 41.95 -11.55 -7.02
N SER C 148 42.17 -12.87 -7.06
CA SER C 148 41.31 -13.73 -7.89
C SER C 148 40.67 -14.82 -7.04
N SER C 149 40.69 -14.62 -5.72
CA SER C 149 40.16 -15.57 -4.73
C SER C 149 38.71 -15.21 -4.47
N PRO C 150 37.71 -16.00 -4.92
CA PRO C 150 36.34 -15.85 -4.43
C PRO C 150 36.20 -15.48 -2.95
N VAL C 151 35.15 -14.71 -2.67
CA VAL C 151 34.81 -14.19 -1.33
C VAL C 151 33.31 -14.44 -1.11
N LYS C 152 32.95 -15.14 -0.02
CA LYS C 152 31.54 -15.34 0.33
C LYS C 152 31.21 -14.61 1.64
N ALA C 153 32.22 -14.00 2.27
CA ALA C 153 32.08 -13.30 3.55
C ALA C 153 31.78 -11.82 3.32
N GLY C 154 30.77 -11.31 4.02
CA GLY C 154 30.50 -9.89 4.09
C GLY C 154 29.80 -9.36 2.84
N VAL C 155 29.22 -10.27 2.06
CA VAL C 155 28.56 -9.86 0.84
C VAL C 155 27.06 -9.96 1.07
N GLU C 156 26.31 -9.03 0.48
CA GLU C 156 24.87 -8.95 0.54
C GLU C 156 24.40 -8.33 -0.77
N THR C 157 23.32 -8.92 -1.33
CA THR C 157 22.84 -8.58 -2.65
C THR C 157 21.32 -8.41 -2.61
N THR C 158 20.88 -7.21 -3.02
CA THR C 158 19.48 -6.93 -3.12
C THR C 158 18.89 -7.79 -4.24
N THR C 159 17.58 -7.92 -4.20
CA THR C 159 16.89 -8.63 -5.22
C THR C 159 16.64 -7.66 -6.36
N PRO C 160 16.80 -8.11 -7.61
CA PRO C 160 16.40 -7.31 -8.77
C PRO C 160 15.01 -6.67 -8.61
N SER C 161 14.93 -5.38 -8.95
CA SER C 161 13.73 -4.58 -9.00
C SER C 161 13.79 -3.59 -10.19
N LYS C 162 12.61 -3.10 -10.58
CA LYS C 162 12.39 -2.37 -11.82
C LYS C 162 12.68 -0.86 -11.65
N GLN C 163 13.60 -0.35 -12.46
CA GLN C 163 13.83 1.05 -12.52
C GLN C 163 12.61 1.71 -13.16
N SER C 164 12.74 3.03 -13.42
CA SER C 164 11.73 3.83 -14.12
C SER C 164 11.63 3.46 -15.60
N ASN C 165 12.71 2.88 -16.17
CA ASN C 165 12.83 2.55 -17.60
C ASN C 165 12.38 1.11 -17.90
N ASN C 166 11.60 0.51 -16.98
CA ASN C 166 10.93 -0.77 -17.23
C ASN C 166 11.96 -1.90 -17.19
N LYS C 167 13.20 -1.58 -16.83
CA LYS C 167 14.23 -2.54 -16.79
C LYS C 167 14.64 -2.73 -15.35
N TYR C 168 15.36 -3.82 -15.11
CA TYR C 168 15.72 -4.28 -13.79
C TYR C 168 17.05 -3.67 -13.35
N ALA C 169 17.23 -3.63 -12.03
CA ALA C 169 18.48 -3.23 -11.45
C ALA C 169 18.64 -3.89 -10.07
N ALA C 170 19.87 -4.26 -9.72
CA ALA C 170 20.19 -4.78 -8.40
C ALA C 170 21.51 -4.14 -7.92
N SER C 171 21.81 -4.35 -6.64
CA SER C 171 23.00 -3.86 -5.99
C SER C 171 23.59 -5.00 -5.17
N SER C 172 24.90 -4.95 -4.96
CA SER C 172 25.57 -5.95 -4.14
C SER C 172 26.69 -5.30 -3.33
N TYR C 173 26.89 -5.76 -2.10
CA TYR C 173 27.82 -5.09 -1.18
C TYR C 173 28.84 -6.05 -0.58
N LEU C 174 30.10 -5.62 -0.61
CA LEU C 174 31.17 -6.26 0.15
C LEU C 174 31.56 -5.39 1.34
N SER C 175 31.17 -5.83 2.53
CA SER C 175 31.80 -5.30 3.71
C SER C 175 33.15 -5.98 3.93
N LEU C 176 34.16 -5.17 4.18
CA LEU C 176 35.36 -5.64 4.79
C LEU C 176 36.04 -4.45 5.44
N THR C 177 37.33 -4.61 5.78
CA THR C 177 38.03 -3.65 6.61
C THR C 177 39.14 -3.00 5.79
N PRO C 178 39.55 -1.79 6.19
CA PRO C 178 40.69 -1.11 5.55
C PRO C 178 41.90 -2.04 5.32
N GLU C 179 42.31 -2.78 6.37
CA GLU C 179 43.42 -3.75 6.33
C GLU C 179 43.27 -4.69 5.12
N GLN C 180 42.04 -5.18 4.91
CA GLN C 180 41.75 -6.12 3.83
C GLN C 180 41.69 -5.36 2.50
N TRP C 181 41.26 -4.10 2.60
CA TRP C 181 41.10 -3.19 1.49
C TRP C 181 42.47 -2.79 0.90
N LYS C 182 43.40 -2.28 1.73
CA LYS C 182 44.76 -1.80 1.28
C LYS C 182 45.62 -2.96 0.75
N SER C 183 45.34 -4.18 1.25
CA SER C 183 46.20 -5.37 1.19
C SER C 183 46.09 -6.17 -0.12
N HIS C 184 45.01 -5.97 -0.88
CA HIS C 184 44.71 -6.86 -2.00
C HIS C 184 44.94 -6.14 -3.34
N ARG C 185 45.39 -6.90 -4.35
CA ARG C 185 45.55 -6.41 -5.70
C ARG C 185 44.30 -5.63 -6.11
N SER C 186 43.23 -6.38 -6.39
CA SER C 186 42.13 -5.88 -7.16
C SER C 186 40.87 -6.76 -6.96
N TYR C 187 39.85 -6.15 -6.36
CA TYR C 187 38.54 -6.76 -6.11
C TYR C 187 37.67 -6.68 -7.37
N SER C 188 36.73 -7.63 -7.52
CA SER C 188 35.85 -7.73 -8.69
C SER C 188 34.38 -8.02 -8.35
N CYS C 189 33.54 -7.74 -9.33
CA CYS C 189 32.14 -8.05 -9.30
C CYS C 189 31.86 -8.76 -10.62
N GLN C 190 31.43 -10.01 -10.56
CA GLN C 190 31.06 -10.79 -11.72
C GLN C 190 29.55 -10.99 -11.74
N VAL C 191 28.88 -10.38 -12.72
CA VAL C 191 27.47 -10.54 -12.81
C VAL C 191 27.12 -11.34 -14.05
N THR C 192 26.31 -12.39 -13.90
CA THR C 192 25.91 -13.20 -15.03
C THR C 192 24.43 -13.01 -15.29
N HIS C 193 24.07 -13.16 -16.57
CA HIS C 193 22.78 -12.82 -17.10
C HIS C 193 22.63 -13.47 -18.48
N GLU C 194 22.02 -14.67 -18.47
CA GLU C 194 21.73 -15.46 -19.66
C GLU C 194 23.02 -16.06 -20.24
N GLY C 195 23.86 -16.61 -19.35
CA GLY C 195 25.23 -17.02 -19.69
C GLY C 195 26.17 -15.82 -19.74
N SER C 196 25.89 -14.88 -20.66
CA SER C 196 26.70 -13.66 -20.91
C SER C 196 27.03 -12.94 -19.60
N THR C 197 28.32 -12.60 -19.47
CA THR C 197 28.92 -12.08 -18.26
C THR C 197 29.47 -10.67 -18.53
N VAL C 198 29.49 -9.86 -17.47
CA VAL C 198 30.21 -8.62 -17.36
C VAL C 198 31.03 -8.75 -16.09
N GLU C 199 32.18 -8.07 -16.01
CA GLU C 199 33.08 -8.23 -14.85
C GLU C 199 33.92 -6.95 -14.68
N LYS C 200 33.61 -6.15 -13.66
CA LYS C 200 34.32 -4.94 -13.35
C LYS C 200 35.29 -5.25 -12.21
N THR C 201 36.07 -4.21 -11.87
CA THR C 201 37.25 -4.26 -11.01
C THR C 201 37.42 -2.89 -10.34
N VAL C 202 38.04 -2.87 -9.15
CA VAL C 202 38.67 -1.69 -8.56
C VAL C 202 40.04 -2.11 -7.99
N ALA C 203 40.80 -1.15 -7.46
CA ALA C 203 42.05 -1.35 -6.71
C ALA C 203 42.21 -0.19 -5.74
N PRO C 204 42.91 -0.37 -4.59
CA PRO C 204 43.28 0.76 -3.73
C PRO C 204 44.26 1.76 -4.38
N THR C 205 43.75 2.53 -5.35
CA THR C 205 44.54 3.38 -6.26
C THR C 205 43.59 4.35 -6.98
N GLU C 206 43.82 5.65 -6.78
CA GLU C 206 42.77 6.68 -6.88
C GLU C 206 42.57 7.10 -8.34
#